data_5LHZ
#
_entry.id   5LHZ
#
_cell.length_a   68.360
_cell.length_b   68.360
_cell.length_c   137.390
_cell.angle_alpha   90.00
_cell.angle_beta   90.00
_cell.angle_gamma   120.00
#
_symmetry.space_group_name_H-M   'P 32 2 1'
#
loop_
_entity.id
_entity.type
_entity.pdbx_description
1 polymer 'Serine/threonine-protein kinase PLK4'
2 polymer 'SCL-interrupting locus protein'
3 water water
#
loop_
_entity_poly.entity_id
_entity_poly.type
_entity_poly.pdbx_seq_one_letter_code
_entity_poly.pdbx_strand_id
1 'polypeptide(L)'
;GPMGSAQLLKSVFVKNVGWATQLTSGAVWVQFNDGSQLVVQAGVSSISYTSPNGQTTRYGENEKLPDYIKQKLQCLSSIL
LMFSNPTPNFH
;
A,B,C
2 'polypeptide(L)' GGSLTEQDRQLRLLQAQIQRLLEAQSLM D,E,F
#
# COMPACT_ATOMS: atom_id res chain seq x y z
N GLN A 7 25.99 -12.84 -5.68
CA GLN A 7 25.33 -14.00 -5.10
C GLN A 7 25.44 -13.97 -3.58
N LEU A 8 26.59 -13.51 -3.07
CA LEU A 8 26.83 -13.40 -1.64
C LEU A 8 26.61 -11.97 -1.17
N LEU A 9 26.13 -11.83 0.05
CA LEU A 9 26.06 -10.55 0.73
C LEU A 9 27.09 -10.56 1.87
N LYS A 10 26.90 -9.69 2.86
CA LYS A 10 27.83 -9.62 3.97
C LYS A 10 27.74 -10.88 4.83
N SER A 11 28.90 -11.49 5.10
CA SER A 11 28.97 -12.63 6.00
C SER A 11 29.26 -12.14 7.41
N VAL A 12 28.50 -12.65 8.37
CA VAL A 12 28.60 -12.26 9.77
C VAL A 12 29.14 -13.43 10.57
N PHE A 13 30.07 -13.13 11.47
CA PHE A 13 30.62 -14.13 12.37
C PHE A 13 29.90 -14.04 13.71
N VAL A 14 29.42 -15.19 14.19
CA VAL A 14 28.76 -15.30 15.49
C VAL A 14 29.59 -16.27 16.31
N LYS A 15 30.25 -15.74 17.35
CA LYS A 15 31.08 -16.57 18.21
C LYS A 15 30.24 -17.68 18.84
N ASN A 16 30.87 -18.84 19.03
CA ASN A 16 30.27 -20.03 19.63
C ASN A 16 29.27 -20.71 18.70
N VAL A 17 29.02 -20.16 17.51
CA VAL A 17 28.06 -20.74 16.57
C VAL A 17 28.73 -21.00 15.23
N GLY A 18 29.16 -19.95 14.56
CA GLY A 18 29.78 -20.07 13.26
C GLY A 18 29.48 -18.84 12.43
N TRP A 19 29.41 -19.04 11.11
CA TRP A 19 29.21 -17.96 10.16
C TRP A 19 27.80 -18.01 9.60
N ALA A 20 27.23 -16.83 9.37
CA ALA A 20 25.90 -16.69 8.78
C ALA A 20 26.00 -15.74 7.60
N THR A 21 25.49 -16.16 6.45
CA THR A 21 25.61 -15.39 5.23
C THR A 21 24.25 -15.29 4.55
N GLN A 22 23.96 -14.13 3.98
CA GLN A 22 22.73 -13.91 3.23
C GLN A 22 23.08 -13.84 1.75
N LEU A 23 22.28 -14.50 0.92
CA LEU A 23 22.51 -14.54 -0.52
C LEU A 23 21.54 -13.62 -1.24
N THR A 24 21.87 -13.32 -2.50
CA THR A 24 21.05 -12.42 -3.30
C THR A 24 19.68 -13.02 -3.57
N SER A 25 19.59 -14.33 -3.64
CA SER A 25 18.31 -15.00 -3.89
C SER A 25 17.36 -14.91 -2.70
N GLY A 26 17.76 -14.27 -1.61
CA GLY A 26 16.95 -14.23 -0.41
C GLY A 26 17.16 -15.40 0.52
N ALA A 27 18.18 -16.22 0.29
CA ALA A 27 18.45 -17.38 1.10
C ALA A 27 19.55 -17.07 2.12
N VAL A 28 19.55 -17.85 3.20
CA VAL A 28 20.54 -17.75 4.25
C VAL A 28 21.30 -19.07 4.33
N TRP A 29 22.62 -18.98 4.43
CA TRP A 29 23.53 -20.11 4.48
C TRP A 29 24.37 -19.97 5.75
N VAL A 30 24.29 -20.95 6.62
CA VAL A 30 24.99 -20.94 7.90
C VAL A 30 26.02 -22.07 7.91
N GLN A 31 27.24 -21.72 8.27
CA GLN A 31 28.35 -22.66 8.40
C GLN A 31 28.67 -22.77 9.89
N PHE A 32 28.26 -23.89 10.50
CA PHE A 32 28.46 -24.06 11.93
C PHE A 32 29.90 -24.52 12.21
N ASN A 33 30.34 -24.27 13.45
CA ASN A 33 31.69 -24.62 13.86
C ASN A 33 31.91 -26.11 14.00
N ASP A 34 30.84 -26.91 13.97
CA ASP A 34 30.97 -28.37 14.04
C ASP A 34 31.11 -29.01 12.67
N GLY A 35 31.21 -28.20 11.60
CA GLY A 35 31.37 -28.70 10.26
C GLY A 35 30.10 -28.88 9.47
N SER A 36 28.94 -28.62 10.07
CA SER A 36 27.67 -28.77 9.38
C SER A 36 27.25 -27.44 8.75
N GLN A 37 26.36 -27.54 7.77
CA GLN A 37 25.86 -26.38 7.04
C GLN A 37 24.34 -26.44 6.97
N LEU A 38 23.71 -25.27 6.87
CA LEU A 38 22.26 -25.17 6.80
C LEU A 38 21.89 -24.07 5.81
N VAL A 39 20.99 -24.39 4.89
CA VAL A 39 20.55 -23.43 3.88
C VAL A 39 19.03 -23.36 3.92
N VAL A 40 18.49 -22.14 3.98
CA VAL A 40 17.05 -21.91 3.98
C VAL A 40 16.75 -20.76 3.03
N GLN A 41 15.53 -20.74 2.49
CA GLN A 41 15.14 -19.69 1.57
C GLN A 41 13.70 -19.27 1.86
N ALA A 42 13.41 -17.99 1.65
CA ALA A 42 12.11 -17.44 2.01
C ALA A 42 11.00 -18.05 1.16
N GLY A 43 11.23 -18.20 -0.15
CA GLY A 43 10.22 -18.71 -1.05
C GLY A 43 10.12 -20.21 -1.15
N VAL A 44 11.07 -20.94 -0.59
CA VAL A 44 11.13 -22.40 -0.72
C VAL A 44 10.57 -23.05 0.54
N SER A 45 9.86 -24.17 0.34
CA SER A 45 9.23 -24.91 1.43
C SER A 45 10.11 -26.04 1.95
N SER A 46 11.41 -25.98 1.73
CA SER A 46 12.33 -27.03 2.15
C SER A 46 13.59 -26.39 2.73
N ILE A 47 14.30 -27.18 3.53
CA ILE A 47 15.56 -26.74 4.12
C ILE A 47 16.63 -27.77 3.74
N SER A 48 17.86 -27.29 3.54
CA SER A 48 18.98 -28.15 3.18
C SER A 48 19.95 -28.21 4.35
N TYR A 49 20.32 -29.44 4.73
CA TYR A 49 21.28 -29.64 5.82
C TYR A 49 22.43 -30.49 5.30
N THR A 50 23.66 -30.06 5.59
CA THR A 50 24.85 -30.82 5.23
C THR A 50 25.58 -31.21 6.51
N SER A 51 25.87 -32.49 6.65
CA SER A 51 26.54 -33.01 7.83
C SER A 51 28.04 -32.70 7.72
N PRO A 52 28.78 -32.82 8.83
CA PRO A 52 30.23 -32.60 8.76
C PRO A 52 30.94 -33.50 7.76
N ASN A 53 30.37 -34.66 7.43
CA ASN A 53 30.97 -35.57 6.47
C ASN A 53 30.66 -35.22 5.03
N GLY A 54 30.03 -34.06 4.78
CA GLY A 54 29.73 -33.64 3.43
C GLY A 54 28.46 -34.20 2.84
N GLN A 55 27.68 -34.94 3.62
CA GLN A 55 26.44 -35.54 3.14
C GLN A 55 25.29 -34.56 3.28
N THR A 56 24.56 -34.35 2.19
CA THR A 56 23.46 -33.40 2.15
C THR A 56 22.12 -34.13 2.22
N THR A 57 21.17 -33.54 2.95
CA THR A 57 19.83 -34.07 3.10
C THR A 57 18.87 -32.89 3.09
N ARG A 58 17.84 -32.98 2.26
CA ARG A 58 16.81 -31.94 2.16
C ARG A 58 15.55 -32.39 2.88
N TYR A 59 15.00 -31.52 3.70
CA TYR A 59 13.81 -31.80 4.49
C TYR A 59 12.68 -30.89 4.05
N GLY A 60 11.45 -31.41 4.07
CA GLY A 60 10.27 -30.63 3.78
C GLY A 60 9.62 -30.11 5.04
N GLU A 61 8.70 -29.15 4.84
CA GLU A 61 8.05 -28.50 5.97
C GLU A 61 7.13 -29.43 6.74
N ASN A 62 6.63 -30.50 6.11
CA ASN A 62 5.68 -31.41 6.74
C ASN A 62 6.35 -32.66 7.31
N GLU A 63 7.68 -32.72 7.30
CA GLU A 63 8.41 -33.86 7.85
C GLU A 63 8.86 -33.56 9.27
N LYS A 64 8.80 -34.59 10.12
CA LYS A 64 9.37 -34.47 11.46
C LYS A 64 10.90 -34.42 11.36
N LEU A 65 11.47 -33.34 11.83
CA LEU A 65 12.90 -33.13 11.70
C LEU A 65 13.65 -33.77 12.85
N PRO A 66 14.89 -34.21 12.62
CA PRO A 66 15.72 -34.67 13.73
C PRO A 66 15.95 -33.56 14.75
N ASP A 67 16.37 -33.96 15.94
CA ASP A 67 16.55 -32.99 17.03
C ASP A 67 17.61 -31.96 16.66
N TYR A 68 18.78 -32.42 16.18
CA TYR A 68 19.88 -31.50 15.92
C TYR A 68 19.53 -30.50 14.81
N ILE A 69 18.75 -30.92 13.81
CA ILE A 69 18.26 -29.97 12.82
C ILE A 69 17.43 -28.89 13.49
N LYS A 70 16.58 -29.26 14.44
CA LYS A 70 15.74 -28.28 15.12
C LYS A 70 16.58 -27.36 16.01
N GLN A 71 17.63 -27.89 16.62
CA GLN A 71 18.54 -27.03 17.38
C GLN A 71 19.16 -25.98 16.48
N LYS A 72 19.71 -26.41 15.34
CA LYS A 72 20.35 -25.47 14.44
C LYS A 72 19.34 -24.48 13.86
N LEU A 73 18.10 -24.90 13.66
CA LEU A 73 17.07 -23.96 13.22
C LEU A 73 16.73 -22.96 14.31
N GLN A 74 16.80 -23.37 15.58
CA GLN A 74 16.61 -22.45 16.69
C GLN A 74 17.73 -21.41 16.74
N CYS A 75 18.97 -21.88 16.69
CA CYS A 75 20.10 -20.96 16.70
C CYS A 75 20.02 -20.00 15.50
N LEU A 76 19.61 -20.52 14.34
CA LEU A 76 19.42 -19.65 13.18
C LEU A 76 18.34 -18.61 13.44
N SER A 77 17.25 -19.01 14.10
CA SER A 77 16.20 -18.06 14.45
C SER A 77 16.75 -16.96 15.35
N SER A 78 17.58 -17.32 16.33
CA SER A 78 18.21 -16.31 17.16
C SER A 78 19.09 -15.38 16.33
N ILE A 79 19.86 -15.94 15.40
CA ILE A 79 20.74 -15.12 14.57
C ILE A 79 19.92 -14.12 13.77
N LEU A 80 18.82 -14.56 13.16
CA LEU A 80 17.97 -13.65 12.43
C LEU A 80 17.34 -12.61 13.35
N LEU A 81 17.07 -12.98 14.60
CA LEU A 81 16.51 -12.03 15.55
C LEU A 81 17.50 -10.91 15.84
N MET A 82 18.76 -11.27 16.11
CA MET A 82 19.77 -10.26 16.44
C MET A 82 20.04 -9.32 15.27
N PHE A 83 19.58 -9.66 14.05
CA PHE A 83 19.73 -8.77 12.89
C PHE A 83 18.50 -7.87 12.77
N SER A 84 18.32 -7.04 13.79
CA SER A 84 17.21 -6.09 13.83
C SER A 84 17.42 -5.06 14.92
N LEU B 8 8.09 21.04 -18.80
CA LEU B 8 8.51 22.41 -19.04
C LEU B 8 8.66 23.14 -17.71
N LEU B 9 7.70 22.98 -16.81
CA LEU B 9 7.82 23.50 -15.46
C LEU B 9 8.70 22.57 -14.62
N LYS B 10 8.99 23.01 -13.40
CA LYS B 10 9.94 22.30 -12.56
C LYS B 10 9.38 20.94 -12.14
N SER B 11 10.22 19.92 -12.29
CA SER B 11 9.86 18.57 -11.88
C SER B 11 10.09 18.39 -10.39
N VAL B 12 9.12 17.78 -9.72
CA VAL B 12 9.16 17.57 -8.27
C VAL B 12 9.35 16.08 -8.02
N PHE B 13 10.26 15.74 -7.11
CA PHE B 13 10.51 14.37 -6.72
C PHE B 13 9.80 14.07 -5.42
N VAL B 14 9.00 12.99 -5.41
CA VAL B 14 8.32 12.53 -4.21
C VAL B 14 8.78 11.10 -3.95
N LYS B 15 9.28 10.84 -2.74
CA LYS B 15 9.94 9.58 -2.43
C LYS B 15 8.96 8.41 -2.49
N ASN B 16 9.49 7.24 -2.80
CA ASN B 16 8.76 5.98 -2.88
C ASN B 16 7.75 5.97 -4.01
N VAL B 17 7.62 7.04 -4.79
CA VAL B 17 6.65 7.10 -5.88
C VAL B 17 7.39 7.44 -7.17
N GLY B 18 7.99 8.62 -7.23
CA GLY B 18 8.68 9.00 -8.44
C GLY B 18 8.63 10.50 -8.66
N TRP B 19 8.63 10.87 -9.95
CA TRP B 19 8.70 12.26 -10.37
C TRP B 19 7.37 12.73 -10.92
N ALA B 20 7.03 13.99 -10.65
CA ALA B 20 5.82 14.61 -11.15
C ALA B 20 6.18 15.93 -11.81
N THR B 21 5.70 16.15 -13.03
CA THR B 21 6.04 17.34 -13.80
C THR B 21 4.77 17.95 -14.36
N GLN B 22 4.72 19.28 -14.36
CA GLN B 22 3.60 20.02 -14.92
C GLN B 22 4.04 20.67 -16.23
N LEU B 23 3.17 20.60 -17.23
CA LEU B 23 3.47 21.15 -18.55
C LEU B 23 2.70 22.45 -18.75
N THR B 24 3.14 23.22 -19.75
CA THR B 24 2.50 24.49 -20.04
C THR B 24 1.07 24.30 -20.54
N SER B 25 0.80 23.19 -21.22
CA SER B 25 -0.53 22.89 -21.74
C SER B 25 -1.53 22.59 -20.63
N GLY B 26 -1.12 22.61 -19.37
CA GLY B 26 -1.99 22.23 -18.27
C GLY B 26 -2.02 20.75 -17.96
N ALA B 27 -1.11 19.97 -18.54
CA ALA B 27 -1.05 18.53 -18.33
C ALA B 27 -0.01 18.19 -17.27
N VAL B 28 -0.18 17.03 -16.65
CA VAL B 28 0.74 16.50 -15.66
C VAL B 28 1.27 15.17 -16.16
N TRP B 29 2.58 14.99 -16.03
CA TRP B 29 3.30 13.81 -16.47
C TRP B 29 4.03 13.23 -15.26
N VAL B 30 3.72 11.99 -14.91
CA VAL B 30 4.26 11.32 -13.74
C VAL B 30 5.11 10.15 -14.22
N GLN B 31 6.33 10.07 -13.70
CA GLN B 31 7.25 8.97 -13.96
C GLN B 31 7.42 8.18 -12.67
N PHE B 32 6.80 7.01 -12.61
CA PHE B 32 6.83 6.18 -11.42
C PHE B 32 8.12 5.38 -11.36
N ASN B 33 8.48 4.98 -10.14
CA ASN B 33 9.73 4.24 -9.91
C ASN B 33 9.67 2.81 -10.47
N ASP B 34 8.49 2.32 -10.85
CA ASP B 34 8.37 1.00 -11.44
C ASP B 34 8.52 1.00 -12.95
N GLY B 35 8.87 2.14 -13.54
CA GLY B 35 9.08 2.25 -14.97
C GLY B 35 7.88 2.69 -15.77
N SER B 36 6.72 2.90 -15.13
CA SER B 36 5.53 3.32 -15.85
C SER B 36 5.42 4.83 -15.88
N GLN B 37 4.63 5.34 -16.82
CA GLN B 37 4.39 6.76 -16.98
C GLN B 37 2.90 7.02 -17.09
N LEU B 38 2.48 8.21 -16.67
CA LEU B 38 1.08 8.60 -16.72
C LEU B 38 0.98 10.06 -17.12
N VAL B 39 0.13 10.37 -18.08
CA VAL B 39 -0.08 11.73 -18.55
C VAL B 39 -1.58 12.02 -18.50
N VAL B 40 -1.93 13.15 -17.90
CA VAL B 40 -3.32 13.59 -17.82
C VAL B 40 -3.37 15.07 -18.15
N GLN B 41 -4.53 15.52 -18.65
CA GLN B 41 -4.69 16.92 -19.01
C GLN B 41 -6.07 17.39 -18.58
N ALA B 42 -6.14 18.66 -18.18
CA ALA B 42 -7.38 19.21 -17.65
C ALA B 42 -8.45 19.30 -18.73
N GLY B 43 -8.08 19.75 -19.93
CA GLY B 43 -9.04 19.92 -20.99
C GLY B 43 -9.36 18.68 -21.78
N VAL B 44 -8.58 17.62 -21.62
CA VAL B 44 -8.75 16.39 -22.38
C VAL B 44 -9.47 15.38 -21.51
N SER B 45 -10.37 14.61 -22.12
CA SER B 45 -11.15 13.61 -21.41
C SER B 45 -10.52 12.23 -21.47
N SER B 46 -9.21 12.15 -21.71
CA SER B 46 -8.52 10.88 -21.83
C SER B 46 -7.21 10.97 -21.06
N ILE B 47 -6.69 9.80 -20.70
CA ILE B 47 -5.42 9.70 -19.99
C ILE B 47 -4.52 8.74 -20.76
N SER B 48 -3.22 9.00 -20.70
CA SER B 48 -2.22 8.18 -21.37
C SER B 48 -1.41 7.43 -20.33
N TYR B 49 -1.28 6.11 -20.51
CA TYR B 49 -0.49 5.29 -19.61
C TYR B 49 0.55 4.52 -20.43
N THR B 50 1.80 4.53 -19.96
CA THR B 50 2.88 3.78 -20.58
C THR B 50 3.41 2.75 -19.59
N SER B 51 3.45 1.50 -20.01
CA SER B 51 3.92 0.43 -19.15
C SER B 51 5.44 0.42 -19.04
N PRO B 52 5.99 -0.28 -18.05
CA PRO B 52 7.45 -0.34 -17.93
C PRO B 52 8.15 -0.90 -19.16
N ASN B 53 7.47 -1.71 -19.96
CA ASN B 53 8.08 -2.30 -21.16
C ASN B 53 7.89 -1.45 -22.40
N GLY B 54 7.17 -0.32 -22.31
CA GLY B 54 7.07 0.63 -23.40
C GLY B 54 5.71 0.69 -24.08
N GLN B 55 4.80 -0.23 -23.80
CA GLN B 55 3.49 -0.21 -24.44
C GLN B 55 2.66 0.94 -23.89
N THR B 56 2.08 1.73 -24.79
CA THR B 56 1.25 2.86 -24.43
C THR B 56 -0.22 2.53 -24.71
N THR B 57 -1.09 3.00 -23.82
CA THR B 57 -2.54 2.82 -23.95
C THR B 57 -3.22 4.09 -23.48
N ARG B 58 -4.17 4.57 -24.28
CA ARG B 58 -4.95 5.76 -23.96
C ARG B 58 -6.37 5.36 -23.59
N TYR B 59 -6.87 5.91 -22.49
CA TYR B 59 -8.18 5.56 -21.96
C TYR B 59 -9.09 6.77 -21.98
N GLY B 60 -10.37 6.52 -22.25
CA GLY B 60 -11.39 7.55 -22.20
C GLY B 60 -12.14 7.55 -20.87
N GLU B 61 -12.90 8.62 -20.66
CA GLU B 61 -13.62 8.77 -19.39
C GLU B 61 -14.73 7.73 -19.25
N ASN B 62 -15.38 7.37 -20.35
CA ASN B 62 -16.50 6.44 -20.33
C ASN B 62 -16.07 5.00 -20.20
N GLU B 63 -14.78 4.72 -20.04
CA GLU B 63 -14.27 3.36 -20.03
C GLU B 63 -13.99 2.90 -18.60
N LYS B 64 -14.18 1.60 -18.37
CA LYS B 64 -13.87 0.98 -17.10
C LYS B 64 -12.36 0.76 -17.02
N LEU B 65 -11.70 1.45 -16.10
CA LEU B 65 -10.24 1.44 -16.09
C LEU B 65 -9.71 0.22 -15.32
N PRO B 66 -8.54 -0.29 -15.71
CA PRO B 66 -7.90 -1.35 -14.91
C PRO B 66 -7.59 -0.87 -13.51
N ASP B 67 -7.33 -1.83 -12.62
CA ASP B 67 -7.07 -1.52 -11.23
C ASP B 67 -5.82 -0.66 -11.08
N TYR B 68 -4.72 -1.06 -11.71
CA TYR B 68 -3.46 -0.35 -11.53
C TYR B 68 -3.53 1.08 -12.05
N ILE B 69 -4.27 1.32 -13.13
CA ILE B 69 -4.51 2.68 -13.59
C ILE B 69 -5.17 3.50 -12.49
N LYS B 70 -6.14 2.90 -11.78
CA LYS B 70 -6.83 3.61 -10.71
C LYS B 70 -5.91 3.84 -9.52
N GLN B 71 -5.01 2.89 -9.23
CA GLN B 71 -4.03 3.12 -8.17
C GLN B 71 -3.15 4.31 -8.51
N LYS B 72 -2.59 4.33 -9.72
CA LYS B 72 -1.73 5.45 -10.10
C LYS B 72 -2.51 6.77 -10.17
N LEU B 73 -3.80 6.72 -10.52
CA LEU B 73 -4.61 7.93 -10.48
C LEU B 73 -4.86 8.39 -9.05
N GLN B 74 -4.96 7.45 -8.10
CA GLN B 74 -5.09 7.83 -6.70
C GLN B 74 -3.81 8.48 -6.20
N CYS B 75 -2.66 7.84 -6.46
CA CYS B 75 -1.38 8.43 -6.08
C CYS B 75 -1.21 9.80 -6.73
N LEU B 76 -1.64 9.95 -7.98
CA LEU B 76 -1.58 11.25 -8.64
C LEU B 76 -2.47 12.26 -7.94
N SER B 77 -3.67 11.84 -7.52
CA SER B 77 -4.55 12.74 -6.78
C SER B 77 -3.89 13.21 -5.50
N SER B 78 -3.24 12.29 -4.77
CA SER B 78 -2.51 12.67 -3.57
C SER B 78 -1.40 13.66 -3.90
N ILE B 79 -0.65 13.41 -4.98
CA ILE B 79 0.45 14.30 -5.35
C ILE B 79 -0.07 15.69 -5.65
N LEU B 80 -1.18 15.79 -6.41
CA LEU B 80 -1.76 17.09 -6.69
C LEU B 80 -2.26 17.77 -5.43
N LEU B 81 -2.75 16.98 -4.46
CA LEU B 81 -3.16 17.57 -3.19
C LEU B 81 -1.99 18.14 -2.42
N MET B 82 -0.79 17.57 -2.60
CA MET B 82 0.39 18.07 -1.90
C MET B 82 0.71 19.52 -2.25
N PHE B 83 0.17 20.04 -3.34
CA PHE B 83 0.43 21.41 -3.74
C PHE B 83 -0.65 22.34 -3.19
N LEU C 8 -21.39 22.85 15.29
CA LEU C 8 -22.26 22.59 14.15
C LEU C 8 -22.23 23.78 13.19
N LEU C 9 -21.16 23.89 12.42
CA LEU C 9 -20.97 25.00 11.50
C LEU C 9 -22.03 24.95 10.39
N LYS C 10 -21.87 25.81 9.40
CA LYS C 10 -22.83 25.90 8.31
C LYS C 10 -22.96 24.55 7.61
N SER C 11 -24.21 24.17 7.29
CA SER C 11 -24.48 22.98 6.50
C SER C 11 -24.68 23.40 5.05
N VAL C 12 -24.02 22.67 4.14
CA VAL C 12 -24.07 22.96 2.71
C VAL C 12 -24.82 21.84 2.02
N PHE C 13 -25.71 22.21 1.10
CA PHE C 13 -26.46 21.25 0.31
C PHE C 13 -25.78 21.08 -1.05
N VAL C 14 -25.54 19.83 -1.43
CA VAL C 14 -24.95 19.47 -2.70
C VAL C 14 -25.97 18.65 -3.47
N LYS C 15 -26.55 19.25 -4.50
CA LYS C 15 -27.56 18.58 -5.31
C LYS C 15 -27.01 17.27 -5.86
N ASN C 16 -27.88 16.27 -5.95
CA ASN C 16 -27.57 14.93 -6.46
C ASN C 16 -26.74 14.11 -5.48
N VAL C 17 -26.36 14.67 -4.33
CA VAL C 17 -25.56 13.94 -3.35
C VAL C 17 -26.26 13.94 -2.00
N GLY C 18 -26.43 15.11 -1.42
CA GLY C 18 -27.04 15.24 -0.11
C GLY C 18 -26.45 16.43 0.62
N TRP C 19 -26.40 16.33 1.95
CA TRP C 19 -25.95 17.42 2.81
C TRP C 19 -24.57 17.12 3.38
N ALA C 20 -23.75 18.15 3.51
CA ALA C 20 -22.43 18.06 4.10
C ALA C 20 -22.30 19.12 5.18
N THR C 21 -21.88 18.70 6.38
CA THR C 21 -21.81 19.58 7.53
C THR C 21 -20.48 19.43 8.23
N GLN C 22 -19.94 20.53 8.74
CA GLN C 22 -18.72 20.51 9.52
C GLN C 22 -19.05 20.77 10.99
N LEU C 23 -18.42 20.00 11.88
CA LEU C 23 -18.66 20.08 13.31
C LEU C 23 -17.54 20.86 14.00
N THR C 24 -17.82 21.24 15.26
CA THR C 24 -16.85 22.04 16.02
C THR C 24 -15.55 21.29 16.25
N SER C 25 -15.62 19.97 16.38
CA SER C 25 -14.43 19.16 16.61
C SER C 25 -13.52 19.08 15.39
N GLY C 26 -13.88 19.70 14.28
CA GLY C 26 -13.13 19.55 13.05
C GLY C 26 -13.52 18.37 12.20
N ALA C 27 -14.62 17.71 12.53
CA ALA C 27 -15.11 16.54 11.82
C ALA C 27 -16.16 16.93 10.79
N VAL C 28 -16.35 16.05 9.80
CA VAL C 28 -17.32 16.25 8.75
C VAL C 28 -18.35 15.13 8.82
N TRP C 29 -19.62 15.50 8.72
CA TRP C 29 -20.77 14.61 8.77
C TRP C 29 -21.58 14.82 7.50
N VAL C 30 -21.76 13.75 6.72
CA VAL C 30 -22.45 13.81 5.45
C VAL C 30 -23.71 12.95 5.55
N GLN C 31 -24.84 13.53 5.14
CA GLN C 31 -26.12 12.85 5.08
C GLN C 31 -26.49 12.67 3.60
N PHE C 32 -26.35 11.46 3.10
CA PHE C 32 -26.61 11.20 1.69
C PHE C 32 -28.11 11.04 1.45
N ASN C 33 -28.50 11.28 0.20
CA ASN C 33 -29.91 11.21 -0.19
C ASN C 33 -30.47 9.80 -0.18
N ASP C 34 -29.61 8.78 -0.07
CA ASP C 34 -30.05 7.40 0.00
C ASP C 34 -30.31 6.94 1.43
N GLY C 35 -30.23 7.86 2.40
CA GLY C 35 -30.49 7.53 3.79
C GLY C 35 -29.27 7.15 4.60
N SER C 36 -28.09 7.09 3.99
CA SER C 36 -26.88 6.72 4.72
C SER C 36 -26.18 7.97 5.24
N GLN C 37 -25.33 7.76 6.24
CA GLN C 37 -24.57 8.84 6.86
C GLN C 37 -23.11 8.42 6.98
N LEU C 38 -22.22 9.42 6.96
CA LEU C 38 -20.79 9.18 7.07
C LEU C 38 -20.16 10.27 7.92
N VAL C 39 -19.36 9.87 8.90
CA VAL C 39 -18.69 10.81 9.80
C VAL C 39 -17.20 10.50 9.79
N VAL C 40 -16.38 11.52 9.59
CA VAL C 40 -14.93 11.39 9.60
C VAL C 40 -14.33 12.56 10.35
N GLN C 41 -13.13 12.36 10.89
CA GLN C 41 -12.44 13.40 11.64
C GLN C 41 -10.95 13.37 11.31
N ALA C 42 -10.33 14.55 11.32
CA ALA C 42 -8.95 14.67 10.88
C ALA C 42 -7.99 13.92 11.80
N GLY C 43 -8.20 14.00 13.12
CA GLY C 43 -7.29 13.37 14.05
C GLY C 43 -7.56 11.90 14.31
N VAL C 44 -8.69 11.38 13.87
CA VAL C 44 -9.08 10.00 14.15
C VAL C 44 -8.77 9.15 12.93
N SER C 45 -8.29 7.93 13.15
CA SER C 45 -7.95 7.01 12.08
C SER C 45 -9.09 6.05 11.77
N SER C 46 -10.33 6.43 12.09
CA SER C 46 -11.48 5.59 11.87
C SER C 46 -12.59 6.42 11.25
N ILE C 47 -13.53 5.73 10.60
CA ILE C 47 -14.67 6.37 9.96
C ILE C 47 -15.94 5.69 10.46
N SER C 48 -17.00 6.48 10.60
CA SER C 48 -18.28 5.95 11.05
C SER C 48 -19.26 5.99 9.89
N TYR C 49 -19.90 4.86 9.61
CA TYR C 49 -20.89 4.77 8.55
C TYR C 49 -22.21 4.27 9.12
N THR C 50 -23.30 4.93 8.78
CA THR C 50 -24.63 4.51 9.18
C THR C 50 -25.44 4.16 7.94
N SER C 51 -25.99 2.96 7.91
CA SER C 51 -26.78 2.51 6.77
C SER C 51 -28.17 3.10 6.82
N PRO C 52 -28.91 3.04 5.72
CA PRO C 52 -30.28 3.56 5.73
C PRO C 52 -31.18 2.91 6.77
N ASN C 53 -30.86 1.69 7.21
CA ASN C 53 -31.67 1.00 8.21
C ASN C 53 -31.36 1.44 9.63
N GLY C 54 -30.36 2.30 9.83
CA GLY C 54 -30.01 2.81 11.14
C GLY C 54 -28.89 2.07 11.84
N GLN C 55 -28.36 1.02 11.23
CA GLN C 55 -27.29 0.24 11.86
C GLN C 55 -25.94 0.93 11.62
N THR C 56 -25.28 1.31 12.71
CA THR C 56 -23.99 2.00 12.62
C THR C 56 -22.85 1.00 12.67
N THR C 57 -21.80 1.28 11.90
CA THR C 57 -20.61 0.46 11.84
C THR C 57 -19.39 1.37 11.75
N ARG C 58 -18.39 1.09 12.58
CA ARG C 58 -17.16 1.85 12.62
C ARG C 58 -16.05 1.04 11.95
N TYR C 59 -15.29 1.70 11.07
CA TYR C 59 -14.24 1.06 10.30
C TYR C 59 -12.90 1.71 10.60
N GLY C 60 -11.85 0.88 10.63
CA GLY C 60 -10.50 1.37 10.80
C GLY C 60 -9.76 1.53 9.48
N GLU C 61 -8.63 2.23 9.55
CA GLU C 61 -7.83 2.49 8.34
C GLU C 61 -7.19 1.21 7.82
N ASN C 62 -6.91 0.26 8.70
CA ASN C 62 -6.19 -0.96 8.32
C ASN C 62 -7.09 -2.04 7.72
N GLU C 63 -8.37 -1.77 7.54
CA GLU C 63 -9.31 -2.74 7.03
C GLU C 63 -9.52 -2.53 5.53
N LYS C 64 -9.95 -3.60 4.85
CA LYS C 64 -10.41 -3.49 3.47
C LYS C 64 -11.88 -3.09 3.50
N LEU C 65 -12.16 -1.86 3.08
CA LEU C 65 -13.51 -1.33 3.19
C LEU C 65 -14.42 -1.90 2.11
N PRO C 66 -15.71 -2.05 2.39
CA PRO C 66 -16.65 -2.44 1.33
C PRO C 66 -16.66 -1.41 0.20
N ASP C 67 -17.19 -1.83 -0.95
CA ASP C 67 -17.19 -0.96 -2.12
C ASP C 67 -18.00 0.30 -1.86
N TYR C 68 -19.21 0.15 -1.33
CA TYR C 68 -20.10 1.31 -1.17
C TYR C 68 -19.51 2.33 -0.19
N ILE C 69 -18.83 1.87 0.85
CA ILE C 69 -18.11 2.79 1.73
C ILE C 69 -17.09 3.59 0.94
N LYS C 70 -16.36 2.92 0.03
CA LYS C 70 -15.35 3.61 -0.76
C LYS C 70 -15.97 4.59 -1.73
N GLN C 71 -17.14 4.26 -2.27
CA GLN C 71 -17.87 5.21 -3.11
C GLN C 71 -18.25 6.46 -2.33
N LYS C 72 -18.82 6.28 -1.13
CA LYS C 72 -19.22 7.42 -0.33
C LYS C 72 -18.02 8.25 0.10
N LEU C 73 -16.88 7.60 0.36
CA LEU C 73 -15.67 8.33 0.67
C LEU C 73 -15.13 9.08 -0.54
N GLN C 74 -15.33 8.54 -1.74
CA GLN C 74 -14.92 9.25 -2.95
C GLN C 74 -15.77 10.50 -3.15
N CYS C 75 -17.09 10.36 -3.08
CA CYS C 75 -17.96 11.52 -3.18
C CYS C 75 -17.62 12.54 -2.10
N LEU C 76 -17.29 12.06 -0.89
CA LEU C 76 -16.86 12.97 0.16
C LEU C 76 -15.58 13.70 -0.24
N SER C 77 -14.65 12.99 -0.86
CA SER C 77 -13.42 13.62 -1.34
C SER C 77 -13.73 14.72 -2.34
N SER C 78 -14.68 14.48 -3.25
CA SER C 78 -15.10 15.53 -4.17
C SER C 78 -15.68 16.72 -3.41
N ILE C 79 -16.51 16.46 -2.39
CA ILE C 79 -17.14 17.53 -1.63
C ILE C 79 -16.07 18.39 -0.97
N LEU C 80 -15.08 17.76 -0.34
CA LEU C 80 -13.99 18.51 0.26
C LEU C 80 -13.18 19.26 -0.78
N LEU C 81 -13.04 18.69 -1.97
CA LEU C 81 -12.29 19.36 -3.03
C LEU C 81 -13.01 20.63 -3.49
N MET C 82 -14.33 20.60 -3.58
CA MET C 82 -15.08 21.75 -4.07
C MET C 82 -15.21 22.87 -3.03
N PHE C 83 -14.84 22.61 -1.77
CA PHE C 83 -14.84 23.65 -0.73
C PHE C 83 -13.45 24.24 -0.56
N SER C 84 -12.83 24.63 -1.67
CA SER C 84 -11.50 25.22 -1.63
C SER C 84 -11.21 25.99 -2.92
N GLN D 7 18.54 -7.10 1.73
CA GLN D 7 17.11 -7.28 1.50
C GLN D 7 16.40 -7.67 2.80
N ASP D 8 15.96 -6.66 3.56
CA ASP D 8 15.31 -6.94 4.84
C ASP D 8 13.95 -7.58 4.66
N ARG D 9 13.29 -7.34 3.52
CA ARG D 9 11.99 -7.96 3.27
C ARG D 9 12.11 -9.48 3.25
N GLN D 10 12.98 -10.01 2.37
CA GLN D 10 13.14 -11.45 2.27
C GLN D 10 13.59 -12.04 3.59
N LEU D 11 14.41 -11.31 4.34
CA LEU D 11 14.87 -11.79 5.64
C LEU D 11 13.71 -11.88 6.64
N ARG D 12 12.80 -10.90 6.61
CA ARG D 12 11.63 -10.95 7.49
C ARG D 12 10.73 -12.12 7.11
N LEU D 13 10.42 -12.26 5.83
CA LEU D 13 9.66 -13.43 5.38
C LEU D 13 10.32 -14.71 5.83
N LEU D 14 11.66 -14.77 5.78
CA LEU D 14 12.38 -15.96 6.22
C LEU D 14 12.20 -16.18 7.71
N GLN D 15 12.24 -15.11 8.51
CA GLN D 15 12.02 -15.22 9.94
C GLN D 15 10.63 -15.81 10.23
N ALA D 16 9.60 -15.27 9.57
CA ALA D 16 8.25 -15.80 9.77
C ALA D 16 8.17 -17.26 9.34
N GLN D 17 8.82 -17.61 8.23
CA GLN D 17 8.81 -18.98 7.75
C GLN D 17 9.43 -19.93 8.77
N ILE D 18 10.62 -19.59 9.26
CA ILE D 18 11.30 -20.45 10.21
C ILE D 18 10.50 -20.57 11.51
N GLN D 19 9.87 -19.47 11.94
CA GLN D 19 9.08 -19.53 13.17
C GLN D 19 7.86 -20.43 12.98
N ARG D 20 7.15 -20.30 11.86
CA ARG D 20 6.04 -21.20 11.60
C ARG D 20 6.50 -22.65 11.57
N LEU D 21 7.63 -22.91 10.88
CA LEU D 21 8.14 -24.28 10.81
C LEU D 21 8.46 -24.83 12.20
N LEU D 22 9.01 -23.97 13.08
CA LEU D 22 9.35 -24.44 14.42
C LEU D 22 8.11 -24.69 15.26
N GLU D 23 7.08 -23.83 15.13
CA GLU D 23 5.84 -24.09 15.84
C GLU D 23 5.20 -25.39 15.36
N ALA D 24 5.13 -25.59 14.05
CA ALA D 24 4.59 -26.83 13.51
C ALA D 24 5.38 -28.04 14.02
N GLN D 25 6.71 -27.93 14.06
CA GLN D 25 7.53 -29.03 14.55
C GLN D 25 7.31 -29.28 16.03
N SER D 26 6.97 -28.24 16.80
CA SER D 26 6.69 -28.43 18.22
C SER D 26 5.40 -29.23 18.41
N LEU D 27 4.48 -29.17 17.45
CA LEU D 27 3.21 -29.86 17.51
C LEU D 27 3.30 -31.27 16.92
N MET D 28 4.48 -31.86 16.88
CA MET D 28 4.67 -33.23 16.39
C MET D 28 5.24 -34.12 17.48
N ASP E 8 -2.13 28.35 -10.97
CA ASP E 8 -2.55 27.16 -10.23
C ASP E 8 -3.98 26.76 -10.58
N ARG E 9 -4.60 27.50 -11.50
CA ARG E 9 -5.97 27.17 -11.90
C ARG E 9 -6.03 25.82 -12.59
N GLN E 10 -5.15 25.60 -13.58
CA GLN E 10 -5.06 24.29 -14.22
C GLN E 10 -4.87 23.17 -13.20
N LEU E 11 -4.16 23.44 -12.10
CA LEU E 11 -3.96 22.41 -11.09
C LEU E 11 -5.28 22.02 -10.45
N ARG E 12 -6.10 23.00 -10.08
CA ARG E 12 -7.39 22.71 -9.48
C ARG E 12 -8.33 22.05 -10.48
N LEU E 13 -8.35 22.54 -11.72
CA LEU E 13 -9.17 21.91 -12.75
C LEU E 13 -8.79 20.44 -12.92
N LEU E 14 -7.48 20.15 -12.92
CA LEU E 14 -7.04 18.76 -13.05
C LEU E 14 -7.47 17.94 -11.84
N GLN E 15 -7.32 18.51 -10.64
CA GLN E 15 -7.77 17.79 -9.44
C GLN E 15 -9.25 17.43 -9.54
N ALA E 16 -10.08 18.40 -9.93
CA ALA E 16 -11.50 18.13 -10.07
C ALA E 16 -11.75 17.06 -11.14
N GLN E 17 -11.01 17.11 -12.25
CA GLN E 17 -11.20 16.11 -13.30
C GLN E 17 -10.89 14.71 -12.79
N ILE E 18 -9.75 14.55 -12.13
CA ILE E 18 -9.36 13.23 -11.64
C ILE E 18 -10.32 12.75 -10.56
N GLN E 19 -10.80 13.67 -9.71
CA GLN E 19 -11.72 13.28 -8.66
C GLN E 19 -13.04 12.80 -9.25
N ARG E 20 -13.59 13.54 -10.23
CA ARG E 20 -14.79 13.10 -10.92
C ARG E 20 -14.57 11.75 -11.58
N LEU E 21 -13.42 11.58 -12.25
CA LEU E 21 -13.15 10.30 -12.91
C LEU E 21 -13.11 9.16 -11.90
N LEU E 22 -12.56 9.41 -10.71
CA LEU E 22 -12.48 8.36 -9.69
C LEU E 22 -13.86 8.04 -9.13
N GLU E 23 -14.70 9.07 -8.92
CA GLU E 23 -16.05 8.82 -8.45
C GLU E 23 -16.84 8.01 -9.48
N ALA E 24 -16.79 8.41 -10.75
CA ALA E 24 -17.49 7.68 -11.79
C ALA E 24 -16.97 6.24 -11.87
N GLN E 25 -15.66 6.06 -11.77
CA GLN E 25 -15.09 4.72 -11.84
C GLN E 25 -15.50 3.86 -10.65
N SER E 26 -15.73 4.47 -9.48
CA SER E 26 -16.15 3.69 -8.32
C SER E 26 -17.55 3.13 -8.47
N LEU E 27 -18.43 3.81 -9.20
CA LEU E 27 -19.81 3.37 -9.37
C LEU E 27 -20.02 2.51 -10.62
N MET E 28 -18.97 1.92 -11.18
CA MET E 28 -19.14 1.03 -12.33
C MET E 28 -18.57 -0.35 -12.02
N GLN F 7 -12.45 24.97 11.20
CA GLN F 7 -11.17 25.48 10.73
C GLN F 7 -10.80 24.83 9.40
N ASP F 8 -10.20 25.63 8.50
CA ASP F 8 -9.81 25.09 7.21
C ASP F 8 -8.57 24.22 7.32
N ARG F 9 -7.71 24.45 8.30
CA ARG F 9 -6.59 23.54 8.55
C ARG F 9 -7.11 22.12 8.77
N GLN F 10 -8.14 21.98 9.60
CA GLN F 10 -8.79 20.68 9.79
C GLN F 10 -9.24 20.10 8.46
N LEU F 11 -9.70 20.97 7.53
CA LEU F 11 -10.15 20.50 6.23
C LEU F 11 -8.99 20.00 5.39
N ARG F 12 -7.84 20.67 5.46
CA ARG F 12 -6.67 20.22 4.70
C ARG F 12 -6.17 18.88 5.24
N LEU F 13 -5.96 18.80 6.55
CA LEU F 13 -5.53 17.54 7.15
C LEU F 13 -6.52 16.42 6.84
N LEU F 14 -7.82 16.72 6.89
CA LEU F 14 -8.82 15.70 6.60
C LEU F 14 -8.75 15.27 5.13
N GLN F 15 -8.58 16.23 4.22
CA GLN F 15 -8.45 15.89 2.80
C GLN F 15 -7.26 14.97 2.58
N ALA F 16 -6.10 15.31 3.16
CA ALA F 16 -4.93 14.46 3.01
C ALA F 16 -5.16 13.08 3.61
N GLN F 17 -5.82 13.01 4.77
CA GLN F 17 -6.08 11.72 5.40
C GLN F 17 -6.96 10.85 4.52
N ILE F 18 -8.06 11.41 4.01
CA ILE F 18 -8.98 10.63 3.19
C ILE F 18 -8.30 10.20 1.90
N GLN F 19 -7.46 11.07 1.33
CA GLN F 19 -6.76 10.71 0.10
C GLN F 19 -5.80 9.56 0.35
N ARG F 20 -5.04 9.64 1.45
CA ARG F 20 -4.18 8.54 1.84
C ARG F 20 -4.96 7.25 2.02
N LEU F 21 -6.12 7.33 2.69
CA LEU F 21 -6.94 6.14 2.90
C LEU F 21 -7.39 5.55 1.57
N LEU F 22 -7.72 6.40 0.60
CA LEU F 22 -8.17 5.89 -0.70
C LEU F 22 -7.02 5.26 -1.48
N GLU F 23 -5.82 5.85 -1.40
CA GLU F 23 -4.67 5.23 -2.05
C GLU F 23 -4.36 3.88 -1.41
N ALA F 24 -4.32 3.82 -0.08
CA ALA F 24 -4.07 2.55 0.60
C ALA F 24 -5.13 1.52 0.23
N GLN F 25 -6.40 1.94 0.14
CA GLN F 25 -7.46 1.01 -0.23
C GLN F 25 -7.30 0.55 -1.67
N SER F 26 -6.73 1.37 -2.55
CA SER F 26 -6.48 0.93 -3.92
C SER F 26 -5.41 -0.14 -3.96
N LEU F 27 -4.49 -0.13 -3.00
CA LEU F 27 -3.42 -1.11 -2.90
C LEU F 27 -3.80 -2.31 -2.05
N MET F 28 -5.10 -2.57 -1.88
CA MET F 28 -5.57 -3.73 -1.12
C MET F 28 -6.40 -4.64 -2.01
#